data_7HT9
#
_entry.id   7HT9
#
_cell.length_a   98.687
_cell.length_b   98.715
_cell.length_c   128.318
_cell.angle_alpha   90.00
_cell.angle_beta   90.00
_cell.angle_gamma   90.00
#
_symmetry.space_group_name_H-M   'I 2 2 2'
#
loop_
_entity.id
_entity.type
_entity.pdbx_description
1 polymer 'Oleoyl-acyl carrier protein thioesterase 1, chloroplastic'
2 non-polymer N-[(1R)-1-(1,5-dimethyl-1H-pyrazol-4-yl)ethyl]methanesulfonamide
3 non-polymer 'SULFATE ION'
4 water water
#
_entity_poly.entity_id   1
_entity_poly.type   'polypeptide(L)'
_entity_poly.pdbx_seq_one_letter_code
;MGSLTEDGLSYKEKFVVRSYEVGSNKTATVETIANLLQEVGCNHAQSVGFSTDGFATTTTMRKLHLIWVTARMHIEIYKY
PAWGDVVEIETWCQSEGRIGTRRDWILKDSVTGEVTGRATSKWVMMNQDTRRLQKVSDDVRDEYLVFCPQEPRLAFPEEN
NRSLKKIPKLEDPAQYSMIGLKPRRADLDMNQHVNNVTYIGWVLESIPQEIVDTHELQVITLDYRRECQQDDVVDSLTTT
TSEIGGTNGSATSGTQGHNDSQFLHLLRLSGDGQEINRGTTLWRKKPSSHHHHHH
;
_entity_poly.pdbx_strand_id   A,B
#
loop_
_chem_comp.id
_chem_comp.type
_chem_comp.name
_chem_comp.formula
A1BFZ non-polymer N-[(1R)-1-(1,5-dimethyl-1H-pyrazol-4-yl)ethyl]methanesulfonamide 'C8 H15 N3 O2 S'
SO4 non-polymer 'SULFATE ION' 'O4 S -2'
#
# COMPACT_ATOMS: atom_id res chain seq x y z
N GLY A 2 10.71 5.48 -15.92
CA GLY A 2 11.97 4.77 -15.81
C GLY A 2 12.52 4.33 -17.14
N SER A 3 13.79 3.89 -17.16
CA SER A 3 14.40 3.46 -18.39
C SER A 3 15.65 2.63 -18.15
N LEU A 4 15.99 1.78 -19.15
CA LEU A 4 17.24 1.02 -19.11
C LEU A 4 18.39 2.04 -19.27
N THR A 5 19.54 1.77 -18.66
CA THR A 5 20.70 2.63 -18.80
C THR A 5 21.29 2.48 -20.22
N GLU A 6 22.31 3.28 -20.56
CA GLU A 6 22.95 3.25 -21.87
C GLU A 6 23.38 1.85 -22.32
N ASP A 7 24.07 1.07 -21.48
CA ASP A 7 24.51 -0.28 -21.87
C ASP A 7 23.37 -1.33 -21.92
N GLY A 8 22.18 -0.99 -21.40
CA GLY A 8 21.04 -1.88 -21.38
C GLY A 8 21.16 -3.02 -20.37
N LEU A 9 22.15 -2.93 -19.45
CA LEU A 9 22.38 -3.95 -18.44
C LEU A 9 21.85 -3.57 -17.04
N SER A 10 21.15 -2.45 -16.90
CA SER A 10 20.53 -2.06 -15.63
C SER A 10 19.35 -1.10 -15.87
N TYR A 11 18.55 -0.83 -14.85
CA TYR A 11 17.34 -0.02 -15.00
C TYR A 11 17.23 1.02 -13.89
N LYS A 12 16.80 2.25 -14.21
CA LYS A 12 16.63 3.31 -13.20
C LYS A 12 15.23 3.87 -13.24
N GLU A 13 14.71 4.27 -12.09
CA GLU A 13 13.40 4.90 -12.00
C GLU A 13 13.38 5.87 -10.81
N LYS A 14 12.69 7.00 -10.99
CA LYS A 14 12.55 8.01 -9.95
C LYS A 14 11.16 7.94 -9.37
N PHE A 15 11.04 8.09 -8.06
CA PHE A 15 9.74 8.04 -7.36
C PHE A 15 9.63 9.21 -6.43
N VAL A 16 8.45 9.82 -6.37
CA VAL A 16 8.19 10.91 -5.45
C VAL A 16 7.48 10.28 -4.27
N VAL A 17 8.05 10.35 -3.06
CA VAL A 17 7.45 9.75 -1.87
C VAL A 17 6.04 10.36 -1.53
N ARG A 18 5.01 9.51 -1.42
CA ARG A 18 3.60 9.89 -1.17
C ARG A 18 3.25 10.07 0.32
N SER A 19 2.21 10.89 0.61
CA SER A 19 1.73 11.14 1.98
C SER A 19 1.41 9.86 2.76
N TYR A 20 0.69 8.90 2.13
CA TYR A 20 0.34 7.64 2.83
C TYR A 20 1.50 6.62 2.91
N GLU A 21 2.62 6.92 2.26
CA GLU A 21 3.79 6.04 2.24
C GLU A 21 4.74 6.25 3.43
N VAL A 22 4.51 7.30 4.24
CA VAL A 22 5.40 7.65 5.34
C VAL A 22 4.82 7.32 6.70
N GLY A 23 5.72 7.15 7.68
CA GLY A 23 5.41 6.90 9.09
C GLY A 23 5.42 8.14 9.96
N SER A 24 5.59 7.96 11.28
N SER A 24 5.57 7.97 11.29
N SER A 24 5.59 7.96 11.28
CA SER A 24 5.58 9.02 12.29
CA SER A 24 5.54 9.05 12.28
CA SER A 24 5.58 9.02 12.29
C SER A 24 6.59 10.15 12.07
C SER A 24 6.60 10.16 12.08
C SER A 24 6.59 10.15 12.07
N ASN A 25 7.77 9.81 11.53
CA ASN A 25 8.82 10.81 11.26
C ASN A 25 8.71 11.52 9.89
N LYS A 26 7.59 11.29 9.16
CA LYS A 26 7.38 11.86 7.84
C LYS A 26 8.43 11.39 6.82
N THR A 27 8.94 10.16 6.98
CA THR A 27 9.85 9.50 6.06
C THR A 27 9.27 8.12 5.69
N ALA A 28 9.62 7.62 4.50
CA ALA A 28 9.12 6.37 3.98
C ALA A 28 9.38 5.20 4.92
N THR A 29 8.38 4.33 5.11
CA THR A 29 8.57 3.14 5.93
C THR A 29 9.44 2.14 5.15
N VAL A 30 10.00 1.12 5.81
CA VAL A 30 10.75 0.08 5.10
C VAL A 30 9.84 -0.69 4.12
N GLU A 31 8.52 -0.77 4.42
CA GLU A 31 7.57 -1.45 3.52
C GLU A 31 7.38 -0.67 2.23
N THR A 32 7.37 0.68 2.31
CA THR A 32 7.28 1.51 1.12
C THR A 32 8.53 1.31 0.27
N ILE A 33 9.71 1.28 0.91
CA ILE A 33 10.97 1.03 0.22
C ILE A 33 10.92 -0.31 -0.51
N ALA A 34 10.50 -1.37 0.21
CA ALA A 34 10.37 -2.72 -0.34
C ALA A 34 9.39 -2.76 -1.53
N ASN A 35 8.25 -2.03 -1.46
CA ASN A 35 7.29 -1.93 -2.57
C ASN A 35 7.94 -1.26 -3.81
N LEU A 36 8.71 -0.20 -3.59
CA LEU A 36 9.42 0.52 -4.67
C LEU A 36 10.49 -0.35 -5.33
N LEU A 37 11.22 -1.16 -4.53
CA LEU A 37 12.22 -2.10 -5.04
C LEU A 37 11.53 -3.11 -5.99
N GLN A 38 10.35 -3.60 -5.58
CA GLN A 38 9.61 -4.58 -6.37
C GLN A 38 9.04 -3.95 -7.64
N GLU A 39 8.56 -2.69 -7.58
CA GLU A 39 8.05 -1.95 -8.75
C GLU A 39 9.17 -1.71 -9.79
N VAL A 40 10.36 -1.28 -9.34
CA VAL A 40 11.47 -1.03 -10.26
C VAL A 40 11.96 -2.39 -10.85
N GLY A 41 11.92 -3.47 -10.07
CA GLY A 41 12.28 -4.80 -10.56
C GLY A 41 11.32 -5.25 -11.66
N CYS A 42 10.01 -5.01 -11.45
N CYS A 42 10.02 -5.01 -11.45
N CYS A 42 10.01 -5.01 -11.45
CA CYS A 42 8.97 -5.37 -12.41
CA CYS A 42 8.99 -5.38 -12.40
CA CYS A 42 8.97 -5.37 -12.41
C CYS A 42 9.10 -4.57 -13.69
C CYS A 42 9.09 -4.56 -13.68
C CYS A 42 9.10 -4.57 -13.69
N ASN A 43 9.42 -3.27 -13.57
CA ASN A 43 9.57 -2.39 -14.72
C ASN A 43 10.82 -2.76 -15.53
N HIS A 44 11.88 -3.23 -14.86
CA HIS A 44 13.08 -3.72 -15.53
C HIS A 44 12.72 -4.99 -16.37
N ALA A 45 12.08 -6.02 -15.76
CA ALA A 45 11.66 -7.23 -16.47
C ALA A 45 10.79 -6.91 -17.72
N GLN A 46 9.83 -6.00 -17.59
CA GLN A 46 8.99 -5.59 -18.71
C GLN A 46 9.78 -4.93 -19.84
N SER A 47 10.73 -4.06 -19.49
N SER A 47 10.73 -4.06 -19.49
N SER A 47 10.73 -4.06 -19.49
CA SER A 47 11.54 -3.34 -20.46
CA SER A 47 11.53 -3.33 -20.49
CA SER A 47 11.54 -3.34 -20.46
C SER A 47 12.42 -4.23 -21.32
C SER A 47 12.39 -4.25 -21.34
C SER A 47 12.42 -4.23 -21.32
N VAL A 48 12.80 -5.41 -20.80
CA VAL A 48 13.65 -6.33 -21.55
C VAL A 48 12.87 -7.54 -22.14
N GLY A 49 11.56 -7.40 -22.32
CA GLY A 49 10.76 -8.44 -22.97
C GLY A 49 10.03 -9.50 -22.17
N PHE A 50 10.01 -9.44 -20.82
CA PHE A 50 9.28 -10.45 -20.03
C PHE A 50 7.79 -10.11 -19.81
N SER A 51 7.04 -10.98 -19.07
CA SER A 51 5.64 -10.79 -18.66
C SER A 51 5.17 -11.84 -17.65
N ALA A 56 9.35 -12.34 -14.20
CA ALA A 56 10.52 -12.47 -15.09
C ALA A 56 10.61 -13.91 -15.63
N THR A 57 9.46 -14.47 -16.01
CA THR A 57 9.41 -15.83 -16.53
C THR A 57 9.92 -15.83 -17.98
N THR A 58 10.96 -16.61 -18.24
CA THR A 58 11.54 -16.72 -19.59
C THR A 58 10.65 -17.65 -20.47
N THR A 59 11.00 -17.80 -21.75
CA THR A 59 10.23 -18.65 -22.65
C THR A 59 10.29 -20.13 -22.23
N THR A 60 11.50 -20.64 -21.90
CA THR A 60 11.65 -22.02 -21.44
C THR A 60 10.98 -22.24 -20.08
N MET A 61 10.98 -21.22 -19.21
N MET A 61 10.99 -21.23 -19.21
N MET A 61 10.98 -21.22 -19.21
CA MET A 61 10.34 -21.35 -17.90
CA MET A 61 10.35 -21.33 -17.90
CA MET A 61 10.34 -21.35 -17.90
C MET A 61 8.84 -21.53 -18.05
C MET A 61 8.84 -21.54 -18.06
C MET A 61 8.84 -21.53 -18.05
N ARG A 62 8.21 -20.82 -19.01
CA ARG A 62 6.77 -20.95 -19.24
C ARG A 62 6.41 -22.37 -19.74
N LYS A 63 7.27 -22.93 -20.59
CA LYS A 63 7.15 -24.28 -21.15
C LYS A 63 7.30 -25.34 -20.05
N LEU A 64 8.29 -25.20 -19.14
CA LEU A 64 8.48 -26.17 -18.06
C LEU A 64 7.68 -25.84 -16.78
N HIS A 65 6.73 -24.90 -16.85
CA HIS A 65 5.89 -24.46 -15.71
C HIS A 65 6.73 -24.04 -14.47
N LEU A 66 7.84 -23.31 -14.70
CA LEU A 66 8.76 -22.84 -13.67
C LEU A 66 8.58 -21.36 -13.38
N ILE A 67 8.83 -20.96 -12.12
CA ILE A 67 8.80 -19.56 -11.67
C ILE A 67 10.01 -19.25 -10.75
N TRP A 68 10.35 -17.96 -10.63
CA TRP A 68 11.39 -17.50 -9.70
C TRP A 68 10.67 -17.20 -8.39
N VAL A 69 11.22 -17.65 -7.27
CA VAL A 69 10.69 -17.39 -5.95
C VAL A 69 11.81 -16.80 -5.07
N THR A 70 11.48 -15.83 -4.19
CA THR A 70 12.51 -15.24 -3.32
C THR A 70 12.91 -16.20 -2.21
N ALA A 71 14.21 -16.43 -2.05
CA ALA A 71 14.73 -17.24 -0.96
C ALA A 71 15.22 -16.31 0.18
N ARG A 72 15.81 -15.17 -0.18
CA ARG A 72 16.31 -14.20 0.80
C ARG A 72 16.22 -12.79 0.25
N MET A 73 15.87 -11.83 1.14
CA MET A 73 15.81 -10.38 0.86
C MET A 73 16.68 -9.69 1.96
N HIS A 74 17.57 -8.78 1.56
CA HIS A 74 18.44 -8.08 2.50
C HIS A 74 18.43 -6.58 2.15
N ILE A 75 17.98 -5.73 3.08
CA ILE A 75 17.90 -4.28 2.85
C ILE A 75 18.67 -3.47 3.92
N GLU A 76 19.45 -2.48 3.48
CA GLU A 76 20.16 -1.59 4.39
C GLU A 76 19.83 -0.13 4.04
N ILE A 77 19.25 0.62 4.98
CA ILE A 77 18.91 2.01 4.74
C ILE A 77 19.74 2.95 5.61
N TYR A 78 20.40 3.93 4.97
CA TYR A 78 21.20 4.95 5.68
C TYR A 78 20.31 6.16 5.98
N LYS A 79 19.47 6.57 5.01
CA LYS A 79 18.52 7.67 5.18
C LYS A 79 17.19 7.30 4.50
N TYR A 80 16.08 7.44 5.19
CA TYR A 80 14.77 7.18 4.60
C TYR A 80 14.32 8.48 3.93
N PRO A 81 13.86 8.45 2.67
CA PRO A 81 13.46 9.69 2.01
C PRO A 81 12.21 10.28 2.67
N ALA A 82 12.16 11.59 2.80
CA ALA A 82 11.02 12.27 3.39
C ALA A 82 9.86 12.37 2.38
N TRP A 83 8.64 12.58 2.90
CA TRP A 83 7.41 12.82 2.15
C TRP A 83 7.64 13.98 1.14
N GLY A 84 7.41 13.74 -0.14
CA GLY A 84 7.64 14.75 -1.17
C GLY A 84 9.01 14.67 -1.83
N ASP A 85 9.98 13.95 -1.21
CA ASP A 85 11.34 13.80 -1.78
C ASP A 85 11.34 12.87 -3.00
N VAL A 86 12.35 13.02 -3.86
CA VAL A 86 12.49 12.17 -5.03
C VAL A 86 13.64 11.20 -4.78
N VAL A 87 13.34 9.88 -4.84
CA VAL A 87 14.36 8.85 -4.68
C VAL A 87 14.61 8.17 -6.05
N GLU A 88 15.89 7.98 -6.42
CA GLU A 88 16.21 7.29 -7.67
C GLU A 88 16.74 5.90 -7.35
N ILE A 89 16.14 4.86 -7.94
CA ILE A 89 16.55 3.48 -7.67
C ILE A 89 17.11 2.83 -8.92
N GLU A 90 18.32 2.27 -8.82
CA GLU A 90 18.92 1.55 -9.93
C GLU A 90 18.90 0.04 -9.58
N THR A 91 18.48 -0.81 -10.53
CA THR A 91 18.41 -2.24 -10.30
C THR A 91 19.07 -3.04 -11.43
N TRP A 92 19.57 -4.22 -11.11
CA TRP A 92 20.18 -5.11 -12.08
C TRP A 92 20.11 -6.55 -11.58
N CYS A 93 20.22 -7.52 -12.49
N CYS A 93 20.26 -7.51 -12.49
N CYS A 93 20.22 -7.52 -12.49
CA CYS A 93 20.19 -8.92 -12.11
CA CYS A 93 20.22 -8.93 -12.17
CA CYS A 93 20.19 -8.92 -12.11
C CYS A 93 21.46 -9.64 -12.54
C CYS A 93 21.53 -9.60 -12.51
C CYS A 93 21.46 -9.64 -12.54
N GLN A 94 21.84 -10.69 -11.82
CA GLN A 94 23.04 -11.46 -12.12
C GLN A 94 22.75 -12.93 -11.95
N SER A 95 23.32 -13.72 -12.85
CA SER A 95 23.22 -15.15 -12.80
C SER A 95 24.17 -15.66 -11.67
N GLU A 96 23.72 -16.61 -10.86
CA GLU A 96 24.58 -17.21 -9.85
C GLU A 96 24.77 -18.69 -10.18
N GLY A 97 25.17 -18.94 -11.43
CA GLY A 97 25.38 -20.29 -11.93
C GLY A 97 24.12 -21.13 -11.89
N ARG A 98 24.23 -22.37 -11.43
CA ARG A 98 23.06 -23.24 -11.34
C ARG A 98 22.24 -23.05 -10.07
N ILE A 99 22.73 -22.24 -9.10
CA ILE A 99 22.02 -22.01 -7.84
C ILE A 99 20.71 -21.23 -8.04
N GLY A 100 20.80 -20.16 -8.80
CA GLY A 100 19.67 -19.28 -9.07
C GLY A 100 20.16 -17.97 -9.63
N THR A 101 19.44 -16.90 -9.34
CA THR A 101 19.75 -15.54 -9.75
C THR A 101 19.73 -14.58 -8.53
N ARG A 102 20.29 -13.40 -8.72
CA ARG A 102 20.34 -12.37 -7.71
C ARG A 102 19.83 -11.07 -8.31
N ARG A 103 19.04 -10.29 -7.55
CA ARG A 103 18.64 -8.97 -8.03
C ARG A 103 19.18 -7.99 -7.00
N ASP A 104 19.91 -6.95 -7.46
CA ASP A 104 20.44 -5.95 -6.56
C ASP A 104 19.82 -4.57 -6.83
N TRP A 105 19.83 -3.71 -5.82
CA TRP A 105 19.33 -2.36 -5.97
C TRP A 105 20.25 -1.37 -5.26
N ILE A 106 20.27 -0.12 -5.76
CA ILE A 106 20.96 1.02 -5.16
C ILE A 106 19.94 2.16 -5.08
N LEU A 107 19.73 2.70 -3.88
CA LEU A 107 18.82 3.83 -3.70
C LEU A 107 19.64 5.11 -3.57
N LYS A 108 19.26 6.18 -4.26
CA LYS A 108 19.96 7.46 -4.19
C LYS A 108 19.00 8.64 -4.00
N ASP A 109 19.48 9.70 -3.37
CA ASP A 109 18.68 10.93 -3.24
C ASP A 109 18.87 11.61 -4.59
N SER A 110 17.78 11.92 -5.29
CA SER A 110 17.86 12.52 -6.62
C SER A 110 18.52 13.92 -6.59
N VAL A 111 18.32 14.69 -5.51
CA VAL A 111 18.88 16.04 -5.40
C VAL A 111 20.37 16.05 -5.07
N THR A 112 20.79 15.27 -4.08
CA THR A 112 22.20 15.24 -3.67
C THR A 112 23.05 14.24 -4.46
N GLY A 113 22.44 13.18 -4.95
CA GLY A 113 23.13 12.12 -5.69
C GLY A 113 23.80 11.07 -4.80
N GLU A 114 23.66 11.20 -3.47
CA GLU A 114 24.27 10.27 -2.54
C GLU A 114 23.45 8.98 -2.36
N VAL A 115 24.15 7.88 -2.11
CA VAL A 115 23.55 6.58 -1.83
C VAL A 115 22.90 6.63 -0.46
N THR A 116 21.60 6.43 -0.42
CA THR A 116 20.85 6.45 0.84
C THR A 116 20.40 5.02 1.27
N GLY A 117 20.62 4.03 0.42
CA GLY A 117 20.26 2.65 0.74
C GLY A 117 20.73 1.65 -0.31
N ARG A 118 20.73 0.37 0.05
CA ARG A 118 21.09 -0.69 -0.87
C ARG A 118 20.36 -1.98 -0.48
N ALA A 119 20.07 -2.81 -1.49
CA ALA A 119 19.38 -4.06 -1.26
C ALA A 119 19.87 -5.16 -2.19
N THR A 120 19.73 -6.41 -1.73
CA THR A 120 20.12 -7.57 -2.50
C THR A 120 19.11 -8.68 -2.22
N SER A 121 18.87 -9.52 -3.22
CA SER A 121 17.89 -10.60 -3.07
C SER A 121 18.30 -11.83 -3.84
N LYS A 122 18.09 -13.02 -3.26
CA LYS A 122 18.42 -14.30 -3.88
C LYS A 122 17.12 -14.97 -4.33
N TRP A 123 17.06 -15.40 -5.60
CA TRP A 123 15.90 -16.04 -6.18
C TRP A 123 16.25 -17.45 -6.65
N VAL A 124 15.33 -18.41 -6.45
CA VAL A 124 15.52 -19.80 -6.87
C VAL A 124 14.38 -20.27 -7.76
N MET A 125 14.67 -21.25 -8.62
CA MET A 125 13.67 -21.76 -9.55
C MET A 125 12.78 -22.78 -8.84
N MET A 126 11.50 -22.76 -9.16
CA MET A 126 10.55 -23.67 -8.55
C MET A 126 9.46 -24.06 -9.56
N ASN A 127 8.99 -25.32 -9.52
CA ASN A 127 7.88 -25.72 -10.38
C ASN A 127 6.64 -25.09 -9.73
N GLN A 128 5.87 -24.31 -10.49
CA GLN A 128 4.68 -23.58 -10.04
C GLN A 128 3.60 -24.48 -9.38
N ASP A 129 3.47 -25.72 -9.85
CA ASP A 129 2.43 -26.65 -9.40
C ASP A 129 2.84 -27.53 -8.20
N THR A 130 3.95 -28.29 -8.32
CA THR A 130 4.43 -29.14 -7.22
C THR A 130 5.13 -28.40 -6.11
N ARG A 131 5.58 -27.16 -6.37
CA ARG A 131 6.34 -26.35 -5.42
C ARG A 131 7.75 -26.92 -5.17
N ARG A 132 8.29 -27.74 -6.09
CA ARG A 132 9.60 -28.33 -5.91
C ARG A 132 10.71 -27.47 -6.50
N LEU A 133 11.74 -27.21 -5.69
CA LEU A 133 12.86 -26.41 -6.14
C LEU A 133 13.71 -27.19 -7.14
N GLN A 134 14.46 -26.46 -7.96
CA GLN A 134 15.36 -27.07 -8.92
C GLN A 134 16.47 -26.11 -9.33
N LYS A 135 17.56 -26.66 -9.85
CA LYS A 135 18.69 -25.88 -10.33
C LYS A 135 18.37 -25.21 -11.67
N VAL A 136 19.17 -24.20 -12.05
CA VAL A 136 18.96 -23.47 -13.30
C VAL A 136 19.64 -24.20 -14.49
N SER A 137 18.85 -24.63 -15.47
CA SER A 137 19.39 -25.30 -16.65
C SER A 137 20.07 -24.31 -17.60
N ASP A 138 20.96 -24.82 -18.47
CA ASP A 138 21.66 -24.02 -19.47
C ASP A 138 20.70 -23.28 -20.39
N ASP A 139 19.59 -23.93 -20.80
CA ASP A 139 18.60 -23.31 -21.68
C ASP A 139 17.99 -22.06 -21.04
N VAL A 140 17.65 -22.12 -19.74
CA VAL A 140 17.08 -20.97 -19.06
C VAL A 140 18.14 -19.88 -18.87
N ARG A 141 19.37 -20.28 -18.46
CA ARG A 141 20.51 -19.38 -18.25
C ARG A 141 20.88 -18.59 -19.53
N ASP A 142 20.71 -19.18 -20.72
CA ASP A 142 21.02 -18.48 -21.97
C ASP A 142 19.97 -17.44 -22.33
N GLU A 143 18.72 -17.61 -21.85
CA GLU A 143 17.65 -16.67 -22.13
C GLU A 143 17.69 -15.43 -21.26
N TYR A 144 18.47 -15.42 -20.15
CA TYR A 144 18.52 -14.22 -19.31
C TYR A 144 19.94 -13.63 -19.15
N LEU A 145 20.99 -14.36 -19.57
CA LEU A 145 22.36 -13.86 -19.49
C LEU A 145 22.57 -12.61 -20.37
N VAL A 146 21.81 -12.49 -21.47
CA VAL A 146 21.90 -11.33 -22.36
C VAL A 146 21.41 -10.01 -21.71
N PHE A 147 20.70 -10.09 -20.57
CA PHE A 147 20.19 -8.95 -19.82
C PHE A 147 21.00 -8.63 -18.55
N CYS A 148 22.03 -9.41 -18.25
CA CYS A 148 22.84 -9.26 -17.06
C CYS A 148 24.25 -8.79 -17.38
N PRO A 149 24.89 -7.99 -16.48
CA PRO A 149 26.33 -7.73 -16.65
C PRO A 149 27.08 -9.07 -16.45
N GLN A 150 28.13 -9.31 -17.22
CA GLN A 150 28.86 -10.60 -17.16
C GLN A 150 29.90 -10.60 -16.03
N GLU A 151 30.54 -9.45 -15.82
CA GLU A 151 31.47 -9.29 -14.72
C GLU A 151 30.65 -9.04 -13.45
N PRO A 152 31.13 -9.50 -12.28
CA PRO A 152 30.35 -9.28 -11.05
C PRO A 152 30.13 -7.79 -10.74
N ARG A 153 28.92 -7.47 -10.27
CA ARG A 153 28.49 -6.13 -9.90
C ARG A 153 27.63 -6.32 -8.64
N LEU A 154 28.20 -6.06 -7.46
CA LEU A 154 27.51 -6.32 -6.21
C LEU A 154 27.10 -5.06 -5.48
N ALA A 155 25.85 -5.02 -5.03
CA ALA A 155 25.41 -3.91 -4.16
C ALA A 155 26.10 -4.04 -2.79
N PHE A 156 26.39 -5.29 -2.35
CA PHE A 156 27.10 -5.58 -1.11
C PHE A 156 28.40 -6.32 -1.42
N PRO A 157 29.46 -5.58 -1.79
CA PRO A 157 30.71 -6.25 -2.16
C PRO A 157 31.55 -6.78 -1.00
N GLU A 158 31.57 -6.10 0.16
CA GLU A 158 32.33 -6.50 1.36
C GLU A 158 32.47 -8.03 1.57
N GLU A 159 33.70 -8.49 1.90
CA GLU A 159 33.99 -9.93 2.04
C GLU A 159 33.41 -10.58 3.30
N ASN A 160 32.90 -9.78 4.25
CA ASN A 160 32.29 -10.31 5.47
C ASN A 160 31.07 -9.45 5.80
N ASN A 161 30.09 -9.42 4.88
CA ASN A 161 28.92 -8.57 5.08
C ASN A 161 27.65 -9.33 5.51
N ARG A 162 26.72 -8.59 6.14
CA ARG A 162 25.46 -9.06 6.71
C ARG A 162 24.51 -9.78 5.75
N SER A 163 24.60 -9.51 4.43
CA SER A 163 23.69 -10.12 3.46
C SER A 163 23.83 -11.62 3.28
N LEU A 164 25.00 -12.19 3.66
CA LEU A 164 25.27 -13.61 3.49
C LEU A 164 25.38 -14.38 4.82
N LYS A 165 24.87 -13.80 5.92
CA LYS A 165 24.96 -14.44 7.23
C LYS A 165 23.88 -15.50 7.42
N LYS A 166 24.22 -16.62 8.05
CA LYS A 166 23.27 -17.70 8.32
C LYS A 166 22.40 -17.27 9.52
N ILE A 167 21.07 -17.44 9.43
CA ILE A 167 20.17 -17.02 10.50
C ILE A 167 19.65 -18.20 11.32
N PRO A 168 19.81 -18.19 12.65
CA PRO A 168 19.32 -19.30 13.45
C PRO A 168 17.80 -19.27 13.69
N LYS A 169 17.26 -20.38 14.18
CA LYS A 169 15.84 -20.48 14.47
C LYS A 169 15.59 -20.08 15.91
N LEU A 170 14.68 -19.12 16.11
CA LEU A 170 14.29 -18.60 17.41
C LEU A 170 13.74 -19.75 18.26
N GLU A 171 14.16 -19.83 19.52
CA GLU A 171 13.70 -20.86 20.44
C GLU A 171 12.61 -20.32 21.38
N ASP A 172 11.56 -21.12 21.63
CA ASP A 172 10.49 -20.72 22.54
C ASP A 172 11.04 -20.78 23.98
N PRO A 173 10.68 -19.84 24.87
CA PRO A 173 9.75 -18.73 24.65
C PRO A 173 10.35 -17.48 24.00
N ALA A 174 9.57 -16.82 23.13
CA ALA A 174 10.00 -15.59 22.48
C ALA A 174 9.87 -14.44 23.48
N GLN A 175 10.74 -13.41 23.37
CA GLN A 175 10.65 -12.27 24.27
C GLN A 175 9.37 -11.46 23.98
N TYR A 176 9.06 -11.27 22.70
CA TYR A 176 7.89 -10.53 22.25
C TYR A 176 7.11 -11.34 21.19
N SER A 177 5.82 -11.06 21.02
CA SER A 177 5.01 -11.73 20.02
C SER A 177 3.79 -10.91 19.59
N MET A 178 3.33 -11.15 18.36
CA MET A 178 2.12 -10.55 17.83
C MET A 178 1.41 -11.73 17.16
N ILE A 179 0.28 -12.16 17.73
CA ILE A 179 -0.51 -13.35 17.39
C ILE A 179 -1.72 -13.06 16.49
N GLY A 180 -2.10 -14.05 15.69
CA GLY A 180 -3.30 -13.98 14.87
C GLY A 180 -3.29 -13.04 13.68
N LEU A 181 -2.12 -12.83 13.06
CA LEU A 181 -1.99 -12.00 11.87
C LEU A 181 -2.61 -12.70 10.63
N LYS A 182 -3.46 -11.98 9.87
CA LYS A 182 -4.13 -12.57 8.69
C LYS A 182 -4.04 -11.61 7.55
N PRO A 183 -3.76 -12.12 6.34
CA PRO A 183 -3.73 -11.23 5.18
C PRO A 183 -5.14 -10.83 4.73
N ARG A 184 -5.30 -9.58 4.29
CA ARG A 184 -6.55 -9.14 3.68
C ARG A 184 -6.30 -9.04 2.14
N ARG A 185 -7.33 -8.72 1.32
CA ARG A 185 -7.14 -8.69 -0.15
C ARG A 185 -6.05 -7.74 -0.62
N ALA A 186 -5.89 -6.59 0.08
CA ALA A 186 -4.83 -5.64 -0.25
C ALA A 186 -3.42 -6.24 -0.05
N ASP A 187 -3.28 -7.31 0.76
CA ASP A 187 -1.98 -7.96 0.94
C ASP A 187 -1.63 -8.95 -0.19
N LEU A 188 -2.53 -9.15 -1.17
CA LEU A 188 -2.30 -10.10 -2.25
C LEU A 188 -1.79 -9.42 -3.51
N ASP A 189 -1.01 -10.12 -4.31
CA ASP A 189 -0.53 -9.61 -5.58
C ASP A 189 -1.54 -9.92 -6.70
N MET A 190 -1.21 -9.61 -7.98
CA MET A 190 -2.11 -9.86 -9.09
C MET A 190 -2.40 -11.36 -9.34
N ASN A 191 -1.61 -12.28 -8.76
CA ASN A 191 -1.86 -13.72 -8.92
C ASN A 191 -2.49 -14.36 -7.67
N GLN A 192 -3.04 -13.52 -6.76
CA GLN A 192 -3.73 -13.92 -5.51
C GLN A 192 -2.80 -14.60 -4.49
N HIS A 193 -1.50 -14.31 -4.57
CA HIS A 193 -0.51 -14.81 -3.62
C HIS A 193 -0.19 -13.67 -2.65
N VAL A 194 0.17 -13.99 -1.40
CA VAL A 194 0.56 -12.94 -0.45
C VAL A 194 1.84 -12.21 -0.95
N ASN A 195 1.80 -10.88 -1.04
CA ASN A 195 2.95 -10.08 -1.46
C ASN A 195 4.10 -10.27 -0.45
N ASN A 196 5.34 -10.38 -0.94
CA ASN A 196 6.52 -10.55 -0.07
C ASN A 196 6.73 -9.45 0.96
N VAL A 197 6.26 -8.22 0.64
CA VAL A 197 6.39 -7.06 1.50
C VAL A 197 5.53 -7.19 2.78
N THR A 198 4.38 -7.87 2.68
CA THR A 198 3.49 -8.13 3.84
C THR A 198 4.28 -8.90 4.94
N TYR A 199 5.16 -9.85 4.54
CA TYR A 199 5.95 -10.63 5.51
C TYR A 199 6.90 -9.71 6.29
N ILE A 200 7.47 -8.67 5.61
CA ILE A 200 8.31 -7.69 6.28
C ILE A 200 7.47 -6.97 7.35
N GLY A 201 6.25 -6.56 6.99
CA GLY A 201 5.33 -5.93 7.93
C GLY A 201 5.01 -6.80 9.14
N TRP A 202 4.69 -8.07 8.88
CA TRP A 202 4.38 -9.03 9.94
C TRP A 202 5.55 -9.25 10.89
N VAL A 203 6.79 -9.35 10.36
CA VAL A 203 8.02 -9.50 11.16
C VAL A 203 8.13 -8.31 12.15
N LEU A 204 7.97 -7.07 11.61
CA LEU A 204 8.06 -5.83 12.37
C LEU A 204 6.98 -5.63 13.42
N GLU A 205 5.81 -6.26 13.24
CA GLU A 205 4.69 -6.16 14.17
C GLU A 205 5.05 -6.63 15.59
N SER A 206 5.97 -7.61 15.73
CA SER A 206 6.35 -8.07 17.07
C SER A 206 7.47 -7.22 17.71
N ILE A 207 7.96 -6.16 17.04
CA ILE A 207 8.91 -5.24 17.66
C ILE A 207 8.08 -4.29 18.53
N PRO A 208 8.45 -4.07 19.80
CA PRO A 208 7.67 -3.16 20.65
C PRO A 208 7.64 -1.73 20.08
N GLN A 209 6.53 -1.03 20.30
CA GLN A 209 6.34 0.33 19.80
C GLN A 209 7.41 1.32 20.31
N GLU A 210 7.93 1.16 21.56
CA GLU A 210 8.95 2.04 22.12
C GLU A 210 10.25 1.99 21.34
N ILE A 211 10.64 0.79 20.84
CA ILE A 211 11.83 0.64 20.01
C ILE A 211 11.59 1.37 18.69
N VAL A 212 10.41 1.17 18.07
CA VAL A 212 10.07 1.84 16.82
C VAL A 212 10.09 3.39 16.99
N ASP A 213 9.54 3.88 18.12
CA ASP A 213 9.49 5.31 18.46
C ASP A 213 10.87 5.95 18.77
N THR A 214 11.86 5.17 19.23
CA THR A 214 13.17 5.72 19.59
C THR A 214 14.33 5.29 18.68
N HIS A 215 14.08 4.33 17.78
CA HIS A 215 15.12 3.83 16.88
C HIS A 215 14.70 3.88 15.41
N GLU A 216 15.68 3.81 14.53
CA GLU A 216 15.43 3.70 13.10
C GLU A 216 15.96 2.35 12.65
N LEU A 217 15.19 1.65 11.82
CA LEU A 217 15.61 0.37 11.28
C LEU A 217 16.73 0.60 10.27
N GLN A 218 17.91 0.04 10.52
CA GLN A 218 19.05 0.20 9.62
C GLN A 218 19.21 -1.01 8.67
N VAL A 219 19.07 -2.24 9.18
CA VAL A 219 19.26 -3.44 8.34
C VAL A 219 18.17 -4.45 8.65
N ILE A 220 17.62 -5.12 7.61
CA ILE A 220 16.67 -6.23 7.71
C ILE A 220 17.08 -7.36 6.74
N THR A 221 17.22 -8.59 7.25
CA THR A 221 17.54 -9.76 6.45
C THR A 221 16.41 -10.75 6.68
N LEU A 222 15.79 -11.22 5.61
CA LEU A 222 14.66 -12.13 5.71
C LEU A 222 14.85 -13.36 4.84
N ASP A 223 14.70 -14.55 5.42
CA ASP A 223 14.71 -15.84 4.73
C ASP A 223 13.24 -16.28 4.53
N TYR A 224 12.90 -16.72 3.33
CA TYR A 224 11.55 -17.14 2.99
C TYR A 224 11.59 -18.68 2.86
N ARG A 225 10.79 -19.36 3.66
CA ARG A 225 10.80 -20.83 3.72
C ARG A 225 9.57 -21.46 3.09
N ARG A 226 8.43 -20.83 3.28
CA ARG A 226 7.14 -21.32 2.83
C ARG A 226 6.18 -20.14 2.67
N GLU A 227 5.21 -20.26 1.77
CA GLU A 227 4.22 -19.22 1.57
C GLU A 227 3.05 -19.27 2.56
N CYS A 228 2.49 -18.11 2.88
CA CYS A 228 1.30 -18.02 3.72
C CYS A 228 0.14 -17.97 2.72
N GLN A 229 -0.82 -18.87 2.87
CA GLN A 229 -1.98 -18.88 1.99
C GLN A 229 -3.00 -17.83 2.47
N GLN A 230 -3.97 -17.50 1.64
CA GLN A 230 -4.99 -16.49 1.93
C GLN A 230 -5.83 -16.84 3.19
N ASP A 231 -6.03 -18.14 3.46
CA ASP A 231 -6.78 -18.56 4.64
C ASP A 231 -5.88 -18.99 5.84
N ASP A 232 -4.57 -18.72 5.77
CA ASP A 232 -3.65 -19.04 6.86
C ASP A 232 -3.61 -17.90 7.91
N VAL A 233 -3.19 -18.23 9.13
CA VAL A 233 -3.06 -17.29 10.25
C VAL A 233 -1.63 -17.41 10.77
N VAL A 234 -0.96 -16.27 10.99
CA VAL A 234 0.46 -16.23 11.35
C VAL A 234 0.75 -15.62 12.73
N ASP A 235 1.74 -16.17 13.41
CA ASP A 235 2.27 -15.63 14.66
C ASP A 235 3.65 -15.05 14.33
N SER A 236 3.92 -13.85 14.84
CA SER A 236 5.19 -13.14 14.66
C SER A 236 5.94 -13.14 16.00
N LEU A 237 7.16 -13.68 16.03
CA LEU A 237 7.93 -13.81 17.26
C LEU A 237 9.28 -13.07 17.15
N THR A 238 9.70 -12.40 18.24
CA THR A 238 10.93 -11.61 18.31
C THR A 238 11.65 -11.76 19.66
N THR A 239 12.99 -11.85 19.63
CA THR A 239 13.84 -11.92 20.81
C THR A 239 15.04 -11.01 20.60
N THR A 240 15.34 -10.13 21.57
CA THR A 240 16.50 -9.25 21.46
C THR A 240 17.77 -10.09 21.55
N THR A 241 18.70 -9.97 20.58
CA THR A 241 19.96 -10.72 20.62
C THR A 241 21.17 -9.85 20.95
N SER A 242 21.00 -8.53 21.12
CA SER A 242 22.12 -7.66 21.46
C SER A 242 22.38 -7.60 22.99
N ASN A 259 24.43 1.65 21.59
CA ASN A 259 23.60 2.48 20.70
C ASN A 259 22.89 1.70 19.58
N ASP A 260 23.06 0.38 19.52
CA ASP A 260 22.40 -0.43 18.49
C ASP A 260 21.64 -1.61 19.12
N SER A 261 20.47 -1.94 18.59
CA SER A 261 19.70 -3.09 19.06
C SER A 261 19.51 -4.08 17.91
N GLN A 262 19.75 -5.36 18.15
CA GLN A 262 19.56 -6.39 17.15
C GLN A 262 18.50 -7.35 17.62
N PHE A 263 17.66 -7.83 16.70
CA PHE A 263 16.60 -8.78 17.07
C PHE A 263 16.65 -10.00 16.18
N LEU A 264 16.18 -11.12 16.71
CA LEU A 264 16.03 -12.35 15.96
C LEU A 264 14.51 -12.50 15.76
N HIS A 265 14.07 -12.87 14.55
CA HIS A 265 12.65 -12.96 14.23
C HIS A 265 12.23 -14.33 13.70
N LEU A 266 10.97 -14.69 13.89
CA LEU A 266 10.40 -15.91 13.34
C LEU A 266 8.90 -15.74 13.06
N LEU A 267 8.45 -16.04 11.81
CA LEU A 267 7.03 -16.08 11.49
C LEU A 267 6.67 -17.55 11.35
N ARG A 268 5.59 -17.99 12.01
CA ARG A 268 5.14 -19.37 11.89
C ARG A 268 3.61 -19.45 11.85
N LEU A 269 3.03 -20.53 11.32
CA LEU A 269 1.56 -20.67 11.28
C LEU A 269 1.02 -20.79 12.70
N SER A 270 -0.06 -20.09 13.01
CA SER A 270 -0.61 -20.03 14.37
C SER A 270 -1.01 -21.38 14.95
N GLY A 271 -1.41 -22.29 14.08
CA GLY A 271 -1.85 -23.61 14.50
C GLY A 271 -0.73 -24.58 14.73
N ASP A 272 -0.27 -25.25 13.67
CA ASP A 272 0.77 -26.28 13.78
C ASP A 272 2.19 -25.74 14.06
N GLY A 273 2.41 -24.42 13.96
CA GLY A 273 3.72 -23.85 14.20
C GLY A 273 4.72 -24.05 13.08
N GLN A 274 4.24 -24.35 11.87
CA GLN A 274 5.05 -24.52 10.67
C GLN A 274 5.78 -23.19 10.34
N GLU A 275 7.11 -23.24 10.17
CA GLU A 275 7.89 -22.03 9.82
C GLU A 275 7.56 -21.47 8.42
N ILE A 276 7.31 -20.15 8.32
CA ILE A 276 7.12 -19.53 7.03
C ILE A 276 8.34 -18.60 6.71
N ASN A 277 8.85 -17.86 7.71
CA ASN A 277 10.02 -16.98 7.58
C ASN A 277 10.83 -16.96 8.86
N ARG A 278 12.11 -16.61 8.73
CA ARG A 278 13.01 -16.27 9.83
C ARG A 278 13.83 -15.03 9.36
N GLY A 279 14.24 -14.19 10.29
CA GLY A 279 15.00 -12.99 9.95
C GLY A 279 15.70 -12.34 11.11
N THR A 280 16.44 -11.26 10.81
CA THR A 280 17.15 -10.44 11.81
C THR A 280 17.00 -8.96 11.43
N THR A 281 16.93 -8.08 12.44
CA THR A 281 16.89 -6.63 12.21
C THR A 281 17.95 -5.95 13.07
N LEU A 282 18.50 -4.84 12.59
CA LEU A 282 19.47 -4.04 13.32
C LEU A 282 18.90 -2.62 13.38
N TRP A 283 18.79 -2.05 14.58
CA TRP A 283 18.21 -0.72 14.76
C TRP A 283 19.22 0.22 15.40
N ARG A 284 19.23 1.49 14.96
CA ARG A 284 20.14 2.49 15.53
C ARG A 284 19.34 3.54 16.32
N LYS A 285 19.88 4.03 17.43
CA LYS A 285 19.20 5.04 18.24
C LYS A 285 19.13 6.37 17.46
N LYS A 286 17.97 7.05 17.50
CA LYS A 286 17.77 8.32 16.80
C LYS A 286 18.65 9.42 17.41
N GLY B 2 2.17 17.17 -10.17
CA GLY B 2 0.86 17.79 -10.19
C GLY B 2 0.92 19.30 -10.10
N SER B 3 -0.22 19.97 -10.36
CA SER B 3 -0.24 21.43 -10.31
C SER B 3 -1.65 21.97 -10.21
N LEU B 4 -1.78 23.19 -9.67
CA LEU B 4 -3.06 23.89 -9.63
C LEU B 4 -3.41 24.25 -11.09
N THR B 5 -4.69 24.28 -11.41
CA THR B 5 -5.14 24.68 -12.74
C THR B 5 -4.94 26.21 -12.93
N GLU B 6 -5.21 26.72 -14.14
CA GLU B 6 -5.06 28.13 -14.46
C GLU B 6 -5.74 29.09 -13.47
N ASP B 7 -7.01 28.85 -13.11
CA ASP B 7 -7.72 29.73 -12.17
C ASP B 7 -7.27 29.56 -10.70
N GLY B 8 -6.50 28.52 -10.40
CA GLY B 8 -6.02 28.24 -9.05
C GLY B 8 -7.09 27.70 -8.12
N LEU B 9 -8.27 27.32 -8.67
CA LEU B 9 -9.37 26.81 -7.88
C LEU B 9 -9.53 25.26 -7.91
N SER B 10 -8.58 24.55 -8.55
CA SER B 10 -8.58 23.08 -8.55
C SER B 10 -7.17 22.54 -8.79
N TYR B 11 -6.96 21.23 -8.61
CA TYR B 11 -5.63 20.65 -8.71
C TYR B 11 -5.66 19.36 -9.52
N LYS B 12 -4.64 19.12 -10.37
CA LYS B 12 -4.57 17.90 -11.19
C LYS B 12 -3.26 17.19 -10.96
N GLU B 13 -3.28 15.86 -11.04
CA GLU B 13 -2.07 15.07 -10.92
C GLU B 13 -2.22 13.77 -11.73
N LYS B 14 -1.13 13.35 -12.37
CA LYS B 14 -1.11 12.11 -13.15
C LYS B 14 -0.39 11.04 -12.38
N PHE B 15 -0.90 9.81 -12.42
CA PHE B 15 -0.30 8.67 -11.73
C PHE B 15 -0.18 7.50 -12.66
N VAL B 16 0.93 6.78 -12.59
CA VAL B 16 1.15 5.59 -13.40
C VAL B 16 0.83 4.43 -12.48
N VAL B 17 -0.17 3.62 -12.81
CA VAL B 17 -0.58 2.48 -11.97
C VAL B 17 0.58 1.44 -11.78
N ARG B 18 0.95 1.13 -10.53
CA ARG B 18 2.04 0.21 -10.16
C ARG B 18 1.65 -1.27 -10.12
N SER B 19 2.63 -2.19 -10.30
CA SER B 19 2.42 -3.64 -10.26
C SER B 19 1.74 -4.12 -8.98
N TYR B 20 2.17 -3.63 -7.79
CA TYR B 20 1.56 -4.06 -6.53
C TYR B 20 0.21 -3.36 -6.23
N GLU B 21 -0.19 -2.41 -7.05
CA GLU B 21 -1.44 -1.66 -6.87
C GLU B 21 -2.66 -2.33 -7.50
N VAL B 22 -2.44 -3.40 -8.30
CA VAL B 22 -3.52 -4.06 -9.01
C VAL B 22 -3.91 -5.41 -8.42
N GLY B 23 -5.15 -5.82 -8.69
CA GLY B 23 -5.71 -7.11 -8.27
C GLY B 23 -5.63 -8.19 -9.35
N SER B 24 -6.46 -9.24 -9.24
CA SER B 24 -6.45 -10.39 -10.16
C SER B 24 -6.76 -10.04 -11.65
N ASN B 25 -7.51 -8.96 -11.92
CA ASN B 25 -7.77 -8.55 -13.32
C ASN B 25 -6.69 -7.61 -13.91
N LYS B 26 -5.58 -7.40 -13.18
CA LYS B 26 -4.50 -6.50 -13.60
C LYS B 26 -4.96 -5.05 -13.73
N THR B 27 -5.96 -4.65 -12.92
CA THR B 27 -6.46 -3.28 -12.83
C THR B 27 -6.41 -2.85 -11.35
N ALA B 28 -6.30 -1.54 -11.11
CA ALA B 28 -6.20 -0.96 -9.78
C ALA B 28 -7.36 -1.37 -8.89
N THR B 29 -7.07 -1.72 -7.64
CA THR B 29 -8.12 -2.05 -6.67
C THR B 29 -8.80 -0.73 -6.26
N VAL B 30 -9.99 -0.81 -5.64
CA VAL B 30 -10.65 0.40 -5.12
C VAL B 30 -9.80 1.05 -4.01
N GLU B 31 -8.99 0.27 -3.28
CA GLU B 31 -8.11 0.82 -2.24
C GLU B 31 -6.98 1.64 -2.85
N THR B 32 -6.45 1.22 -4.01
CA THR B 32 -5.42 1.98 -4.70
C THR B 32 -6.04 3.31 -5.17
N ILE B 33 -7.26 3.27 -5.73
CA ILE B 33 -7.98 4.48 -6.15
C ILE B 33 -8.15 5.43 -4.96
N ALA B 34 -8.64 4.90 -3.82
CA ALA B 34 -8.85 5.69 -2.60
C ALA B 34 -7.53 6.31 -2.08
N ASN B 35 -6.38 5.57 -2.16
CA ASN B 35 -5.07 6.10 -1.78
C ASN B 35 -4.67 7.27 -2.69
N LEU B 36 -4.90 7.14 -4.02
CA LEU B 36 -4.60 8.18 -5.00
C LEU B 36 -5.44 9.44 -4.80
N LEU B 37 -6.73 9.27 -4.47
CA LEU B 37 -7.62 10.39 -4.15
C LEU B 37 -7.06 11.19 -2.93
N GLN B 38 -6.59 10.45 -1.89
CA GLN B 38 -6.00 11.03 -0.70
C GLN B 38 -4.73 11.80 -1.05
N GLU B 39 -3.83 11.21 -1.87
CA GLU B 39 -2.58 11.80 -2.29
C GLU B 39 -2.78 13.11 -3.08
N VAL B 40 -3.69 13.12 -4.06
CA VAL B 40 -3.97 14.32 -4.83
C VAL B 40 -4.63 15.39 -3.88
N GLY B 41 -5.44 14.97 -2.92
CA GLY B 41 -6.03 15.87 -1.91
C GLY B 41 -4.95 16.53 -1.05
N CYS B 42 -3.98 15.73 -0.59
CA CYS B 42 -2.86 16.22 0.21
C CYS B 42 -2.01 17.19 -0.60
N ASN B 43 -1.74 16.88 -1.90
CA ASN B 43 -0.91 17.71 -2.76
C ASN B 43 -1.60 19.06 -3.06
N HIS B 44 -2.93 19.06 -3.19
CA HIS B 44 -3.72 20.27 -3.37
C HIS B 44 -3.55 21.18 -2.11
N ALA B 45 -3.78 20.65 -0.89
CA ALA B 45 -3.64 21.40 0.37
C ALA B 45 -2.22 22.02 0.50
N GLN B 46 -1.17 21.25 0.18
CA GLN B 46 0.19 21.76 0.24
C GLN B 46 0.42 22.91 -0.74
N SER B 47 -0.09 22.80 -1.98
CA SER B 47 0.11 23.82 -3.00
C SER B 47 -0.52 25.17 -2.67
N VAL B 48 -1.58 25.16 -1.86
CA VAL B 48 -2.25 26.41 -1.51
C VAL B 48 -1.87 26.92 -0.11
N GLY B 49 -0.71 26.51 0.40
CA GLY B 49 -0.19 27.04 1.65
C GLY B 49 -0.48 26.36 2.97
N PHE B 50 -1.16 25.19 2.97
CA PHE B 50 -1.40 24.49 4.21
C PHE B 50 -0.12 23.79 4.71
N SER B 51 0.02 23.64 6.03
CA SER B 51 1.24 23.05 6.59
C SER B 51 1.11 21.57 6.94
N ALA B 56 -5.05 19.71 6.21
CA ALA B 56 -5.57 20.97 5.67
C ALA B 56 -6.04 21.91 6.79
N THR B 57 -5.34 21.93 7.93
CA THR B 57 -5.71 22.82 9.02
C THR B 57 -5.30 24.23 8.67
N THR B 58 -6.21 25.17 8.87
CA THR B 58 -5.90 26.57 8.63
C THR B 58 -5.26 27.18 9.90
N THR B 59 -4.85 28.47 9.84
CA THR B 59 -4.25 29.19 10.95
C THR B 59 -5.21 29.23 12.14
N THR B 60 -6.48 29.57 11.89
CA THR B 60 -7.47 29.61 12.97
C THR B 60 -7.73 28.21 13.53
N MET B 61 -7.79 27.17 12.68
CA MET B 61 -7.98 25.80 13.17
C MET B 61 -6.85 25.36 14.13
N ARG B 62 -5.58 25.67 13.80
CA ARG B 62 -4.47 25.34 14.69
C ARG B 62 -4.57 26.04 16.05
N LYS B 63 -5.08 27.27 16.04
CA LYS B 63 -5.25 28.05 17.27
C LYS B 63 -6.35 27.44 18.17
N LEU B 64 -7.48 27.05 17.58
CA LEU B 64 -8.56 26.42 18.35
C LEU B 64 -8.46 24.89 18.46
N HIS B 65 -7.31 24.30 18.11
CA HIS B 65 -7.06 22.86 18.17
C HIS B 65 -8.12 22.03 17.39
N LEU B 66 -8.51 22.52 16.19
CA LEU B 66 -9.50 21.88 15.34
C LEU B 66 -8.89 21.17 14.14
N ILE B 67 -9.53 20.07 13.72
CA ILE B 67 -9.13 19.30 12.53
C ILE B 67 -10.37 18.94 11.68
N TRP B 68 -10.15 18.64 10.39
CA TRP B 68 -11.20 18.15 9.51
C TRP B 68 -11.19 16.62 9.62
N VAL B 69 -12.35 16.00 9.75
CA VAL B 69 -12.53 14.56 9.85
C VAL B 69 -13.54 14.13 8.77
N THR B 70 -13.32 12.97 8.14
CA THR B 70 -14.27 12.49 7.11
C THR B 70 -15.54 11.96 7.78
N ALA B 71 -16.69 12.41 7.30
CA ALA B 71 -17.98 11.91 7.75
C ALA B 71 -18.52 10.90 6.73
N ARG B 72 -18.27 11.12 5.45
CA ARG B 72 -18.76 10.27 4.39
C ARG B 72 -17.81 10.32 3.19
N MET B 73 -17.59 9.15 2.55
CA MET B 73 -16.80 8.98 1.33
C MET B 73 -17.70 8.21 0.31
N HIS B 74 -17.80 8.70 -0.92
CA HIS B 74 -18.63 8.07 -1.95
C HIS B 74 -17.81 7.98 -3.25
N ILE B 75 -17.58 6.77 -3.74
CA ILE B 75 -16.78 6.55 -4.97
C ILE B 75 -17.56 5.75 -6.04
N GLU B 76 -17.50 6.19 -7.30
N GLU B 76 -17.51 6.19 -7.30
N GLU B 76 -17.50 6.19 -7.30
CA GLU B 76 -18.13 5.48 -8.41
CA GLU B 76 -18.13 5.49 -8.42
CA GLU B 76 -18.13 5.48 -8.41
C GLU B 76 -17.10 5.26 -9.52
C GLU B 76 -17.09 5.26 -9.52
C GLU B 76 -17.10 5.26 -9.52
N ILE B 77 -16.79 3.99 -9.84
CA ILE B 77 -15.81 3.67 -10.89
C ILE B 77 -16.47 3.04 -12.10
N TYR B 78 -16.24 3.61 -13.29
CA TYR B 78 -16.76 3.08 -14.56
C TYR B 78 -15.72 2.12 -15.15
N LYS B 79 -14.43 2.48 -15.11
CA LYS B 79 -13.33 1.64 -15.59
C LYS B 79 -12.15 1.78 -14.62
N TYR B 80 -11.59 0.66 -14.16
CA TYR B 80 -10.42 0.68 -13.30
C TYR B 80 -9.19 0.72 -14.22
N PRO B 81 -8.23 1.64 -13.98
CA PRO B 81 -7.06 1.69 -14.88
C PRO B 81 -6.21 0.44 -14.74
N ALA B 82 -5.68 -0.04 -15.85
CA ALA B 82 -4.82 -1.21 -15.85
C ALA B 82 -3.40 -0.86 -15.36
N TRP B 83 -2.64 -1.88 -14.93
CA TRP B 83 -1.23 -1.82 -14.55
C TRP B 83 -0.41 -1.15 -15.68
N GLY B 84 0.30 -0.08 -15.36
CA GLY B 84 1.07 0.64 -16.38
C GLY B 84 0.35 1.82 -17.01
N ASP B 85 -1.00 1.89 -16.86
CA ASP B 85 -1.81 2.99 -17.40
C ASP B 85 -1.60 4.30 -16.63
N VAL B 86 -1.87 5.43 -17.29
CA VAL B 86 -1.75 6.73 -16.64
C VAL B 86 -3.16 7.26 -16.36
N VAL B 87 -3.47 7.52 -15.09
CA VAL B 87 -4.75 8.09 -14.69
C VAL B 87 -4.55 9.57 -14.27
N GLU B 88 -5.41 10.48 -14.75
CA GLU B 88 -5.32 11.88 -14.33
C GLU B 88 -6.47 12.19 -13.37
N ILE B 89 -6.17 12.73 -12.20
CA ILE B 89 -7.21 13.03 -11.21
C ILE B 89 -7.29 14.53 -10.95
N GLU B 90 -8.48 15.10 -11.07
CA GLU B 90 -8.70 16.51 -10.76
C GLU B 90 -9.50 16.61 -9.44
N THR B 91 -9.06 17.46 -8.51
CA THR B 91 -9.73 17.60 -7.23
C THR B 91 -10.00 19.09 -6.89
N TRP B 92 -11.05 19.33 -6.11
CA TRP B 92 -11.40 20.66 -5.66
C TRP B 92 -12.22 20.57 -4.36
N CYS B 93 -12.25 21.66 -3.62
CA CYS B 93 -13.04 21.67 -2.38
C CYS B 93 -14.08 22.78 -2.40
N GLN B 94 -15.15 22.62 -1.63
CA GLN B 94 -16.22 23.59 -1.57
C GLN B 94 -16.73 23.70 -0.16
N SER B 95 -17.05 24.92 0.23
CA SER B 95 -17.61 25.21 1.52
C SER B 95 -19.10 24.79 1.49
N GLU B 96 -19.57 24.15 2.55
CA GLU B 96 -20.98 23.79 2.65
C GLU B 96 -21.59 24.54 3.82
N GLY B 97 -21.38 25.86 3.84
CA GLY B 97 -21.87 26.75 4.87
C GLY B 97 -21.33 26.39 6.23
N ARG B 98 -22.19 26.36 7.23
CA ARG B 98 -21.80 26.02 8.59
C ARG B 98 -21.62 24.51 8.81
N ILE B 99 -22.15 23.66 7.92
CA ILE B 99 -22.10 22.21 8.10
C ILE B 99 -20.68 21.63 8.10
N GLY B 100 -19.91 22.04 7.11
CA GLY B 100 -18.55 21.57 6.93
C GLY B 100 -18.08 21.92 5.53
N THR B 101 -17.23 21.07 4.98
CA THR B 101 -16.68 21.19 3.63
C THR B 101 -16.85 19.90 2.84
N ARG B 102 -16.67 19.99 1.53
CA ARG B 102 -16.77 18.85 0.64
C ARG B 102 -15.54 18.82 -0.24
N ARG B 103 -14.99 17.63 -0.51
CA ARG B 103 -13.90 17.52 -1.47
C ARG B 103 -14.40 16.60 -2.57
N ASP B 104 -14.27 17.04 -3.84
CA ASP B 104 -14.70 16.21 -4.96
C ASP B 104 -13.52 15.82 -5.86
N TRP B 105 -13.66 14.71 -6.58
CA TRP B 105 -12.63 14.27 -7.52
C TRP B 105 -13.26 13.80 -8.82
N ILE B 106 -12.50 13.91 -9.92
CA ILE B 106 -12.84 13.40 -11.23
C ILE B 106 -11.62 12.59 -11.72
N LEU B 107 -11.84 11.32 -12.07
N LEU B 107 -11.84 11.32 -12.07
N LEU B 107 -11.84 11.32 -12.07
CA LEU B 107 -10.76 10.47 -12.57
CA LEU B 107 -10.77 10.45 -12.57
CA LEU B 107 -10.76 10.47 -12.57
C LEU B 107 -10.90 10.34 -14.09
C LEU B 107 -10.91 10.34 -14.10
C LEU B 107 -10.90 10.34 -14.09
N LYS B 108 -9.81 10.51 -14.82
CA LYS B 108 -9.81 10.42 -16.29
C LYS B 108 -8.68 9.53 -16.83
N ASP B 109 -8.90 8.91 -17.98
CA ASP B 109 -7.86 8.13 -18.65
C ASP B 109 -7.02 9.19 -19.35
N SER B 110 -5.71 9.26 -19.08
CA SER B 110 -4.86 10.28 -19.68
C SER B 110 -4.78 10.17 -21.21
N VAL B 111 -4.84 8.95 -21.75
CA VAL B 111 -4.73 8.73 -23.20
C VAL B 111 -6.02 9.09 -23.96
N THR B 112 -7.17 8.61 -23.46
CA THR B 112 -8.45 8.87 -24.15
C THR B 112 -9.12 10.19 -23.72
N GLY B 113 -8.86 10.63 -22.49
CA GLY B 113 -9.47 11.84 -21.95
C GLY B 113 -10.85 11.63 -21.35
N GLU B 114 -11.36 10.39 -21.38
CA GLU B 114 -12.68 10.09 -20.85
C GLU B 114 -12.71 9.92 -19.33
N VAL B 115 -13.84 10.29 -18.72
CA VAL B 115 -14.06 10.14 -17.28
C VAL B 115 -14.25 8.66 -16.99
N THR B 116 -13.38 8.12 -16.16
CA THR B 116 -13.43 6.72 -15.77
C THR B 116 -13.92 6.53 -14.32
N GLY B 117 -14.07 7.62 -13.58
CA GLY B 117 -14.55 7.55 -12.20
C GLY B 117 -14.80 8.92 -11.59
N ARG B 118 -15.51 8.94 -10.46
N ARG B 118 -15.51 8.94 -10.46
N ARG B 118 -15.50 8.93 -10.46
CA ARG B 118 -15.78 10.17 -9.74
CA ARG B 118 -15.80 10.17 -9.75
CA ARG B 118 -15.77 10.16 -9.73
C ARG B 118 -16.01 9.90 -8.26
C ARG B 118 -16.01 9.90 -8.26
C ARG B 118 -15.98 9.89 -8.26
N ALA B 119 -15.63 10.85 -7.41
CA ALA B 119 -15.77 10.68 -5.97
C ALA B 119 -16.13 11.98 -5.27
N THR B 120 -16.78 11.85 -4.12
CA THR B 120 -17.19 12.99 -3.31
C THR B 120 -17.04 12.61 -1.85
N SER B 121 -16.71 13.60 -1.01
CA SER B 121 -16.49 13.33 0.41
C SER B 121 -16.94 14.51 1.25
N LYS B 122 -17.57 14.22 2.40
CA LYS B 122 -18.06 15.24 3.33
C LYS B 122 -17.13 15.24 4.56
N TRP B 123 -16.65 16.43 4.93
CA TRP B 123 -15.75 16.62 6.06
C TRP B 123 -16.40 17.54 7.10
N VAL B 124 -16.20 17.24 8.38
CA VAL B 124 -16.74 18.05 9.49
C VAL B 124 -15.62 18.47 10.44
N MET B 125 -15.84 19.56 11.19
CA MET B 125 -14.84 20.04 12.14
C MET B 125 -14.96 19.32 13.45
N MET B 126 -13.81 19.05 14.05
CA MET B 126 -13.78 18.37 15.32
C MET B 126 -12.62 18.92 16.16
N ASN B 127 -12.81 19.01 17.49
CA ASN B 127 -11.71 19.39 18.37
C ASN B 127 -10.83 18.14 18.44
N GLN B 128 -9.52 18.23 18.14
CA GLN B 128 -8.68 17.02 18.10
C GLN B 128 -8.43 16.34 19.47
N ASP B 129 -8.67 17.05 20.56
CA ASP B 129 -8.49 16.49 21.91
C ASP B 129 -9.76 15.86 22.50
N THR B 130 -10.87 16.61 22.58
CA THR B 130 -12.12 16.10 23.12
C THR B 130 -12.91 15.22 22.15
N ARG B 131 -12.59 15.31 20.84
CA ARG B 131 -13.29 14.63 19.75
C ARG B 131 -14.72 15.13 19.57
N ARG B 132 -15.02 16.37 20.00
CA ARG B 132 -16.36 16.92 19.86
C ARG B 132 -16.53 17.67 18.56
N LEU B 133 -17.59 17.33 17.83
CA LEU B 133 -17.90 17.98 16.56
C LEU B 133 -18.38 19.40 16.79
N GLN B 134 -18.19 20.25 15.79
CA GLN B 134 -18.66 21.63 15.82
C GLN B 134 -18.96 22.13 14.41
N LYS B 135 -19.67 23.25 14.33
CA LYS B 135 -19.99 23.89 13.07
C LYS B 135 -18.79 24.77 12.62
N VAL B 136 -18.79 25.19 11.36
CA VAL B 136 -17.72 26.01 10.82
C VAL B 136 -17.97 27.50 11.07
N SER B 137 -17.06 28.15 11.80
CA SER B 137 -17.21 29.57 12.10
C SER B 137 -16.80 30.46 10.91
N ASP B 138 -17.26 31.72 10.93
CA ASP B 138 -16.91 32.73 9.93
C ASP B 138 -15.39 32.91 9.79
N ASP B 139 -14.64 33.04 10.90
CA ASP B 139 -13.19 33.24 10.81
C ASP B 139 -12.50 32.10 10.08
N VAL B 140 -12.97 30.84 10.25
CA VAL B 140 -12.34 29.72 9.56
C VAL B 140 -12.80 29.64 8.10
N ARG B 141 -14.10 29.91 7.84
CA ARG B 141 -14.66 29.91 6.49
C ARG B 141 -13.96 30.91 5.57
N ASP B 142 -13.49 32.04 6.12
CA ASP B 142 -12.85 33.07 5.31
C ASP B 142 -11.48 32.69 4.82
N GLU B 143 -10.71 31.93 5.62
CA GLU B 143 -9.37 31.56 5.21
C GLU B 143 -9.29 30.36 4.26
N TYR B 144 -10.43 29.69 3.97
CA TYR B 144 -10.40 28.60 2.98
C TYR B 144 -11.29 28.90 1.75
N LEU B 145 -12.22 29.88 1.85
CA LEU B 145 -13.07 30.27 0.72
C LEU B 145 -12.25 30.79 -0.47
N VAL B 146 -11.09 31.38 -0.20
CA VAL B 146 -10.18 31.90 -1.21
C VAL B 146 -9.58 30.79 -2.12
N PHE B 147 -9.66 29.51 -1.70
CA PHE B 147 -9.15 28.36 -2.44
C PHE B 147 -10.26 27.53 -3.13
N CYS B 148 -11.53 27.91 -2.95
CA CYS B 148 -12.66 27.18 -3.47
C CYS B 148 -13.36 27.93 -4.58
N PRO B 149 -13.95 27.21 -5.57
CA PRO B 149 -14.84 27.91 -6.52
C PRO B 149 -16.08 28.41 -5.74
N GLN B 150 -16.58 29.60 -6.08
CA GLN B 150 -17.70 30.19 -5.33
C GLN B 150 -19.06 29.65 -5.82
N GLU B 151 -19.17 29.46 -7.13
CA GLU B 151 -20.35 28.86 -7.72
C GLU B 151 -20.26 27.33 -7.50
N PRO B 152 -21.40 26.65 -7.33
CA PRO B 152 -21.34 25.19 -7.11
C PRO B 152 -20.69 24.44 -8.28
N ARG B 153 -19.89 23.44 -7.94
CA ARG B 153 -19.19 22.58 -8.89
C ARG B 153 -19.25 21.17 -8.27
N LEU B 154 -20.16 20.34 -8.77
CA LEU B 154 -20.37 19.02 -8.18
C LEU B 154 -19.90 17.88 -9.05
N ALA B 155 -19.15 16.93 -8.47
CA ALA B 155 -18.79 15.70 -9.18
C ALA B 155 -20.07 14.84 -9.36
N PHE B 156 -21.03 14.93 -8.42
CA PHE B 156 -22.30 14.23 -8.48
C PHE B 156 -23.44 15.25 -8.49
N PRO B 157 -23.76 15.81 -9.66
CA PRO B 157 -24.80 16.84 -9.71
C PRO B 157 -26.25 16.34 -9.64
N GLU B 158 -26.58 15.23 -10.32
CA GLU B 158 -27.92 14.62 -10.37
C GLU B 158 -28.81 14.84 -9.11
N GLU B 159 -30.06 15.32 -9.30
CA GLU B 159 -30.97 15.54 -8.18
C GLU B 159 -31.56 14.21 -7.73
N ASN B 160 -31.05 13.66 -6.62
CA ASN B 160 -31.40 12.38 -5.97
C ASN B 160 -30.43 11.27 -6.37
N ASN B 161 -29.13 11.53 -6.23
CA ASN B 161 -28.10 10.55 -6.58
C ASN B 161 -27.62 9.75 -5.34
N ARG B 162 -26.92 8.62 -5.57
CA ARG B 162 -26.45 7.69 -4.54
C ARG B 162 -25.56 8.30 -3.44
N SER B 163 -24.86 9.41 -3.73
CA SER B 163 -23.93 10.03 -2.76
C SER B 163 -24.60 10.64 -1.54
N LEU B 164 -25.91 10.96 -1.64
CA LEU B 164 -26.65 11.60 -0.55
C LEU B 164 -27.72 10.69 0.08
N LYS B 165 -27.65 9.38 -0.15
CA LYS B 165 -28.64 8.45 0.39
C LYS B 165 -28.36 8.10 1.85
N LYS B 166 -29.43 8.00 2.66
CA LYS B 166 -29.31 7.63 4.06
C LYS B 166 -29.04 6.11 4.15
N ILE B 167 -28.05 5.68 4.97
CA ILE B 167 -27.73 4.25 5.07
C ILE B 167 -28.25 3.63 6.37
N PRO B 168 -29.03 2.54 6.30
CA PRO B 168 -29.54 1.93 7.53
C PRO B 168 -28.50 1.07 8.26
N LYS B 169 -28.82 0.71 9.50
CA LYS B 169 -27.93 -0.11 10.31
C LYS B 169 -28.28 -1.58 10.12
N LEU B 170 -27.28 -2.38 9.75
CA LEU B 170 -27.42 -3.81 9.51
C LEU B 170 -27.91 -4.49 10.80
N GLU B 171 -28.90 -5.37 10.69
CA GLU B 171 -29.44 -6.08 11.84
C GLU B 171 -28.87 -7.50 11.91
N ASP B 172 -28.55 -7.97 13.13
CA ASP B 172 -28.03 -9.32 13.33
C ASP B 172 -29.20 -10.32 13.14
N PRO B 173 -28.96 -11.48 12.52
CA PRO B 173 -27.68 -11.98 12.00
C PRO B 173 -27.28 -11.48 10.60
N ALA B 174 -25.97 -11.23 10.41
CA ALA B 174 -25.45 -10.82 9.12
C ALA B 174 -25.37 -12.04 8.20
N GLN B 175 -25.54 -11.85 6.87
CA GLN B 175 -25.43 -12.97 5.95
C GLN B 175 -23.98 -13.47 5.89
N TYR B 176 -23.03 -12.55 5.84
CA TYR B 176 -21.60 -12.86 5.79
C TYR B 176 -20.82 -12.06 6.86
N SER B 177 -19.64 -12.55 7.25
CA SER B 177 -18.82 -11.85 8.22
C SER B 177 -17.33 -12.20 8.12
N MET B 178 -16.47 -11.29 8.53
CA MET B 178 -15.04 -11.50 8.62
C MET B 178 -14.67 -10.90 9.99
N ILE B 179 -14.25 -11.73 10.93
CA ILE B 179 -14.03 -11.25 12.30
C ILE B 179 -12.55 -11.21 12.69
N GLY B 180 -12.26 -10.46 13.75
CA GLY B 180 -10.92 -10.34 14.26
C GLY B 180 -9.94 -9.55 13.41
N LEU B 181 -10.41 -8.57 12.64
CA LEU B 181 -9.55 -7.71 11.82
C LEU B 181 -8.77 -6.72 12.71
N LYS B 182 -7.45 -6.60 12.50
CA LYS B 182 -6.59 -5.72 13.32
C LYS B 182 -5.69 -4.93 12.42
N PRO B 183 -5.52 -3.64 12.70
CA PRO B 183 -4.59 -2.86 11.89
C PRO B 183 -3.12 -3.17 12.25
N ARG B 184 -2.25 -3.18 11.24
CA ARG B 184 -0.82 -3.30 11.48
C ARG B 184 -0.19 -1.88 11.24
N ARG B 185 1.13 -1.70 11.46
CA ARG B 185 1.74 -0.36 11.31
C ARG B 185 1.56 0.26 9.94
N ALA B 186 1.56 -0.57 8.87
CA ALA B 186 1.33 -0.09 7.51
C ALA B 186 -0.07 0.49 7.34
N ASP B 187 -1.04 0.14 8.20
CA ASP B 187 -2.40 0.72 8.11
C ASP B 187 -2.52 2.09 8.78
N LEU B 188 -1.43 2.60 9.39
CA LEU B 188 -1.46 3.89 10.08
C LEU B 188 -0.91 5.02 9.21
N ASP B 189 -1.40 6.23 9.42
CA ASP B 189 -0.92 7.40 8.71
C ASP B 189 0.29 8.01 9.47
N MET B 190 0.82 9.16 9.02
CA MET B 190 1.96 9.81 9.68
C MET B 190 1.66 10.30 11.12
N ASN B 191 0.38 10.39 11.51
CA ASN B 191 0.02 10.81 12.89
C ASN B 191 -0.40 9.63 13.78
N GLN B 192 -0.10 8.37 13.34
CA GLN B 192 -0.38 7.10 14.05
C GLN B 192 -1.88 6.81 14.19
N HIS B 193 -2.69 7.36 13.28
CA HIS B 193 -4.12 7.10 13.24
C HIS B 193 -4.37 6.10 12.11
N VAL B 194 -5.40 5.25 12.23
CA VAL B 194 -5.72 4.31 11.15
C VAL B 194 -6.13 5.09 9.86
N ASN B 195 -5.50 4.79 8.73
CA ASN B 195 -5.81 5.43 7.45
C ASN B 195 -7.27 5.10 7.06
N ASN B 196 -8.01 6.07 6.53
CA ASN B 196 -9.40 5.87 6.11
C ASN B 196 -9.60 4.79 5.05
N VAL B 197 -8.57 4.54 4.23
CA VAL B 197 -8.60 3.54 3.16
C VAL B 197 -8.64 2.10 3.74
N THR B 198 -8.00 1.87 4.90
CA THR B 198 -8.05 0.58 5.57
C THR B 198 -9.52 0.16 5.86
N TYR B 199 -10.38 1.13 6.27
CA TYR B 199 -11.79 0.82 6.55
C TYR B 199 -12.51 0.31 5.29
N ILE B 200 -12.17 0.86 4.11
CA ILE B 200 -12.71 0.40 2.83
C ILE B 200 -12.30 -1.08 2.64
N GLY B 201 -11.03 -1.40 2.90
CA GLY B 201 -10.54 -2.78 2.83
C GLY B 201 -11.27 -3.72 3.76
N TRP B 202 -11.44 -3.30 5.04
CA TRP B 202 -12.14 -4.11 6.03
C TRP B 202 -13.60 -4.36 5.65
N VAL B 203 -14.30 -3.34 5.11
CA VAL B 203 -15.70 -3.49 4.63
C VAL B 203 -15.78 -4.61 3.57
N LEU B 204 -14.86 -4.54 2.57
CA LEU B 204 -14.78 -5.48 1.46
C LEU B 204 -14.40 -6.91 1.85
N GLU B 205 -13.70 -7.08 2.98
CA GLU B 205 -13.28 -8.38 3.46
C GLU B 205 -14.46 -9.34 3.72
N SER B 206 -15.64 -8.81 4.10
CA SER B 206 -16.80 -9.69 4.34
C SER B 206 -17.60 -10.00 3.05
N ILE B 207 -17.18 -9.49 1.88
CA ILE B 207 -17.82 -9.86 0.61
C ILE B 207 -17.23 -11.21 0.23
N PRO B 208 -18.05 -12.21 -0.13
CA PRO B 208 -17.48 -13.51 -0.51
C PRO B 208 -16.58 -13.42 -1.75
N GLN B 209 -15.56 -14.26 -1.80
CA GLN B 209 -14.60 -14.27 -2.90
C GLN B 209 -15.24 -14.52 -4.28
N GLU B 210 -16.31 -15.33 -4.37
CA GLU B 210 -16.99 -15.59 -5.65
C GLU B 210 -17.59 -14.35 -6.27
N ILE B 211 -18.15 -13.46 -5.43
CA ILE B 211 -18.70 -12.19 -5.90
C ILE B 211 -17.54 -11.33 -6.43
N VAL B 212 -16.43 -11.26 -5.69
CA VAL B 212 -15.26 -10.49 -6.12
C VAL B 212 -14.71 -11.04 -7.46
N ASP B 213 -14.65 -12.37 -7.60
CA ASP B 213 -14.18 -13.06 -8.81
C ASP B 213 -15.09 -12.90 -10.04
N THR B 214 -16.40 -12.68 -9.86
CA THR B 214 -17.33 -12.57 -10.97
C THR B 214 -17.93 -11.18 -11.20
N HIS B 215 -17.70 -10.25 -10.26
CA HIS B 215 -18.25 -8.91 -10.35
C HIS B 215 -17.18 -7.82 -10.21
N GLU B 216 -17.50 -6.61 -10.66
CA GLU B 216 -16.64 -5.47 -10.46
C GLU B 216 -17.39 -4.50 -9.56
N LEU B 217 -16.70 -3.93 -8.58
CA LEU B 217 -17.30 -2.96 -7.69
C LEU B 217 -17.54 -1.65 -8.49
N GLN B 218 -18.81 -1.24 -8.59
CA GLN B 218 -19.14 0.00 -9.30
C GLN B 218 -19.28 1.20 -8.36
N VAL B 219 -19.96 1.03 -7.20
CA VAL B 219 -20.19 2.15 -6.27
C VAL B 219 -19.95 1.69 -4.84
N ILE B 220 -19.31 2.53 -4.01
CA ILE B 220 -19.11 2.33 -2.58
C ILE B 220 -19.42 3.64 -1.82
N THR B 221 -20.30 3.58 -0.81
CA THR B 221 -20.64 4.72 0.03
C THR B 221 -20.32 4.30 1.46
N LEU B 222 -19.51 5.08 2.14
CA LEU B 222 -19.10 4.76 3.50
C LEU B 222 -19.34 5.92 4.46
N ASP B 223 -20.01 5.66 5.58
CA ASP B 223 -20.22 6.61 6.67
C ASP B 223 -19.21 6.27 7.77
N TYR B 224 -18.52 7.29 8.31
CA TYR B 224 -17.52 7.12 9.34
C TYR B 224 -18.13 7.65 10.65
N ARG B 225 -18.23 6.79 11.66
CA ARG B 225 -18.88 7.14 12.93
C ARG B 225 -17.91 7.32 14.08
N ARG B 226 -16.88 6.50 14.11
CA ARG B 226 -15.90 6.46 15.17
C ARG B 226 -14.59 5.88 14.64
N GLU B 227 -13.46 6.27 15.21
CA GLU B 227 -12.16 5.76 14.80
C GLU B 227 -11.81 4.43 15.44
N CYS B 228 -11.05 3.60 14.72
CA CYS B 228 -10.53 2.34 15.25
C CYS B 228 -9.12 2.69 15.74
N GLN B 229 -8.85 2.40 17.01
CA GLN B 229 -7.54 2.68 17.57
C GLN B 229 -6.58 1.54 17.20
N GLN B 230 -5.28 1.78 17.37
CA GLN B 230 -4.23 0.81 17.02
C GLN B 230 -4.38 -0.54 17.77
N ASP B 231 -4.92 -0.52 19.00
CA ASP B 231 -5.12 -1.75 19.76
C ASP B 231 -6.58 -2.29 19.72
N ASP B 232 -7.42 -1.74 18.81
CA ASP B 232 -8.79 -2.21 18.65
C ASP B 232 -8.87 -3.40 17.66
N VAL B 233 -9.93 -4.20 17.76
CA VAL B 233 -10.18 -5.36 16.91
C VAL B 233 -11.58 -5.15 16.30
N VAL B 234 -11.71 -5.37 14.98
CA VAL B 234 -12.94 -5.09 14.25
C VAL B 234 -13.59 -6.32 13.60
N ASP B 235 -14.93 -6.34 13.58
CA ASP B 235 -15.70 -7.35 12.85
C ASP B 235 -16.36 -6.63 11.66
N SER B 236 -16.30 -7.27 10.51
CA SER B 236 -16.86 -6.75 9.26
C SER B 236 -18.12 -7.59 8.91
N LEU B 237 -19.27 -6.96 8.77
CA LEU B 237 -20.52 -7.67 8.52
C LEU B 237 -21.17 -7.19 7.20
N THR B 238 -21.75 -8.13 6.44
CA THR B 238 -22.37 -7.86 5.14
C THR B 238 -23.66 -8.69 4.94
N THR B 239 -24.69 -8.07 4.33
CA THR B 239 -25.94 -8.72 3.99
C THR B 239 -26.37 -8.25 2.60
N THR B 240 -26.72 -9.21 1.72
CA THR B 240 -27.16 -8.85 0.37
C THR B 240 -28.53 -8.16 0.45
N THR B 241 -28.67 -6.96 -0.12
CA THR B 241 -29.96 -6.25 -0.10
C THR B 241 -30.68 -6.24 -1.45
N SER B 242 -30.08 -6.82 -2.50
CA SER B 242 -30.72 -6.86 -3.82
C SER B 242 -31.66 -8.08 -3.96
N ASP B 260 -27.02 -6.90 -11.28
CA ASP B 260 -26.36 -6.09 -10.27
C ASP B 260 -26.61 -6.66 -8.86
N SER B 261 -25.59 -6.60 -7.99
CA SER B 261 -25.74 -7.03 -6.60
C SER B 261 -25.45 -5.85 -5.68
N GLN B 262 -26.29 -5.62 -4.69
CA GLN B 262 -26.09 -4.56 -3.72
C GLN B 262 -25.93 -5.18 -2.35
N PHE B 263 -25.04 -4.62 -1.52
CA PHE B 263 -24.83 -5.13 -0.18
C PHE B 263 -24.95 -4.02 0.85
N LEU B 264 -25.33 -4.37 2.06
CA LEU B 264 -25.36 -3.46 3.19
C LEU B 264 -24.18 -3.91 4.08
N HIS B 265 -23.40 -2.94 4.58
CA HIS B 265 -22.22 -3.25 5.39
C HIS B 265 -22.21 -2.61 6.76
N LEU B 266 -21.49 -3.22 7.70
CA LEU B 266 -21.31 -2.66 9.04
C LEU B 266 -19.97 -3.11 9.65
N LEU B 267 -19.14 -2.14 10.10
CA LEU B 267 -17.92 -2.46 10.84
C LEU B 267 -18.21 -2.10 12.29
N ARG B 268 -17.91 -3.01 13.22
CA ARG B 268 -18.09 -2.74 14.64
C ARG B 268 -16.94 -3.34 15.47
N LEU B 269 -16.70 -2.83 16.69
CA LEU B 269 -15.63 -3.39 17.54
C LEU B 269 -16.00 -4.82 17.95
N SER B 270 -15.03 -5.75 17.91
CA SER B 270 -15.24 -7.18 18.20
C SER B 270 -15.83 -7.48 19.55
N GLY B 271 -15.50 -6.63 20.52
CA GLY B 271 -15.96 -6.83 21.87
C GLY B 271 -17.34 -6.30 22.15
N ASP B 272 -17.42 -5.00 22.47
CA ASP B 272 -18.70 -4.38 22.83
C ASP B 272 -19.67 -4.16 21.66
N GLY B 273 -19.22 -4.35 20.42
CA GLY B 273 -20.09 -4.16 19.26
C GLY B 273 -20.36 -2.70 18.91
N GLN B 274 -19.52 -1.79 19.39
CA GLN B 274 -19.61 -0.35 19.10
C GLN B 274 -19.41 -0.11 17.59
N GLU B 275 -20.36 0.61 16.95
CA GLU B 275 -20.26 0.93 15.53
C GLU B 275 -19.08 1.85 15.18
N ILE B 276 -18.28 1.48 14.17
CA ILE B 276 -17.22 2.36 13.70
C ILE B 276 -17.58 2.91 12.29
N ASN B 277 -18.16 2.06 11.41
CA ASN B 277 -18.59 2.44 10.05
C ASN B 277 -19.84 1.68 9.64
N ARG B 278 -20.59 2.24 8.71
CA ARG B 278 -21.67 1.59 7.98
C ARG B 278 -21.53 2.02 6.49
N GLY B 279 -21.96 1.16 5.58
CA GLY B 279 -21.84 1.46 4.16
C GLY B 279 -22.67 0.58 3.26
N THR B 280 -22.63 0.86 1.95
CA THR B 280 -23.32 0.10 0.89
C THR B 280 -22.38 -0.03 -0.31
N THR B 281 -22.47 -1.17 -1.01
CA THR B 281 -21.71 -1.37 -2.26
C THR B 281 -22.65 -1.85 -3.36
N LEU B 282 -22.34 -1.49 -4.61
CA LEU B 282 -23.10 -1.92 -5.78
C LEU B 282 -22.09 -2.58 -6.72
N TRP B 283 -22.37 -3.81 -7.14
CA TRP B 283 -21.46 -4.58 -7.98
C TRP B 283 -22.14 -4.93 -9.31
N ARG B 284 -21.38 -4.87 -10.40
CA ARG B 284 -21.86 -5.20 -11.75
C ARG B 284 -21.25 -6.53 -12.21
N LYS B 285 -22.02 -7.38 -12.90
CA LYS B 285 -21.49 -8.64 -13.43
C LYS B 285 -20.48 -8.35 -14.54
N LYS B 286 -19.34 -9.07 -14.56
CA LYS B 286 -18.31 -8.90 -15.58
C LYS B 286 -18.81 -9.33 -16.97
N1 A1BFZ C . 12.62 -22.11 0.85
N3 A1BFZ C . 8.99 -20.20 -0.79
C4 A1BFZ C . 11.07 -20.87 -0.62
C5 A1BFZ C . 10.99 -19.50 -0.57
C6 A1BFZ C . 7.55 -20.10 -0.96
C7 A1BFZ C . 9.76 -21.31 -0.78
C8 A1BFZ C . 9.22 -22.69 -0.92
C1 A1BFZ C . 13.50 -21.08 -1.16
C2 A1BFZ C . 12.28 -21.75 -0.54
C3 A1BFZ C . 12.09 -24.74 0.36
N2 A1BFZ C . 9.74 -19.08 -0.66
O1 A1BFZ C . 14.45 -23.74 0.69
O2 A1BFZ C . 12.91 -23.79 2.62
S1 A1BFZ C . 13.13 -23.60 1.21
S SO4 D . 15.21 -12.02 -11.32
O1 SO4 D . 16.43 -11.98 -10.51
O2 SO4 D . 15.53 -12.36 -12.71
O3 SO4 D . 14.33 -13.05 -10.72
O4 SO4 D . 14.53 -10.71 -11.33
S SO4 E . 9.98 1.52 9.41
O1 SO4 E . 10.34 0.53 10.43
O2 SO4 E . 11.17 1.98 8.68
O3 SO4 E . 9.01 0.88 8.50
O4 SO4 E . 9.40 2.72 10.05
N1 A1BFZ F . -19.43 10.67 12.72
N3 A1BFZ F . -15.08 10.19 13.69
C4 A1BFZ F . -16.97 10.96 12.87
C5 A1BFZ F . -16.16 10.49 11.87
C6 A1BFZ F . -13.96 9.79 14.52
C7 A1BFZ F . -16.24 10.79 14.04
C8 A1BFZ F . -16.59 11.12 15.45
C1 A1BFZ F . -18.41 12.54 11.56
C2 A1BFZ F . -18.31 11.62 12.77
C3 A1BFZ F . -20.60 10.53 15.18
N2 A1BFZ F . -15.02 9.99 12.35
O1 A1BFZ F . -21.80 10.06 12.93
O2 A1BFZ F . -21.07 12.36 13.42
S1 A1BFZ F . -20.82 10.96 13.49
S SO4 G . -11.06 19.60 2.84
O1 SO4 G . -11.07 19.17 4.25
O2 SO4 G . -10.16 18.76 2.04
O3 SO4 G . -12.45 19.49 2.33
O4 SO4 G . -10.56 20.98 2.78
S SO4 H . -11.67 -4.03 -6.00
O1 SO4 H . -10.66 -3.54 -5.06
O2 SO4 H . -11.09 -5.06 -6.88
O3 SO4 H . -12.82 -4.58 -5.22
O4 SO4 H . -12.16 -3.02 -6.95
#